data_1HAP
#
_entry.id   1HAP
#
_cell.length_a   58.280
_cell.length_b   77.610
_cell.length_c   100.020
_cell.angle_alpha   90.00
_cell.angle_beta   90.00
_cell.angle_gamma   90.00
#
_symmetry.space_group_name_H-M   'P 21 21 21'
#
loop_
_entity.id
_entity.type
_entity.pdbx_description
1 polymer "5'-D(*GP*GP*TP*TP*GP*GP*TP*GP*TP*GP*GP*TP*TP*GP*G)-3'"
2 polymer 'Thrombin light chain'
3 polymer 'Thrombin heavy chain'
4 non-polymer D-phenylalanyl-N-[(2S,3S)-6-{[amino(iminio)methyl]amino}-1-chloro-2-hydroxyhexan-3-yl]-L-prolinamide
5 water water
#
loop_
_entity_poly.entity_id
_entity_poly.type
_entity_poly.pdbx_seq_one_letter_code
_entity_poly.pdbx_strand_id
1 'polydeoxyribonucleotide' (DG)(DG)(DT)(DT)(DG)(DG)(DT)(DG)(DT)(DG)(DG)(DT)(DT)(DG)(DG) D
2 'polypeptide(L)' TFGSGEADCGLRPLFEKKSLEDKTERELLESYIDGR L
3 'polypeptide(L)'
;IVEGSDAEIGMSPWQVMLFRKSPQELLCGASLISDRWVLTAAHCLLYPPWDKNFTENDLLVRIGKHSRTRYERNIEKISM
LEKIYIHPRYNWRENLDRDIALMKLKKPVAFSDYIHPVCLPDRETAASLLQAGYKGRVTGWGNLKETWTANVGKGQPSVL
QVVNLPIVERPVCKDSTRIRITDNMFCAGYKPDEGKRGDACEGDSGGPFVMKSPFNNRWYQMGIVSWGEGCDRDGKYGFY
THVFRLKKWIQKVIDQFGE
;
H
#
loop_
_chem_comp.id
_chem_comp.type
_chem_comp.name
_chem_comp.formula
0G6 peptide-like D-phenylalanyl-N-[(2S,3S)-6-{[amino(iminio)methyl]amino}-1-chloro-2-hydroxyhexan-3-yl]-L-prolinamide 'C21 H34 Cl N6 O3 1'
DG DNA linking 2'-DEOXYGUANOSINE-5'-MONOPHOSPHATE 'C10 H14 N5 O7 P'
DT DNA linking THYMIDINE-5'-MONOPHOSPHATE 'C10 H15 N2 O8 P'
#
# COMPACT_ATOMS: atom_id res chain seq x y z
N ALA B 7 8.33 -7.23 15.64
CA ALA B 7 7.88 -7.86 16.90
C ALA B 7 6.35 -8.04 16.96
N ASP B 8 5.87 -6.86 17.34
CA ASP B 8 4.40 -6.72 17.50
C ASP B 8 3.93 -5.93 16.27
N CYS B 9 4.17 -6.54 15.12
CA CYS B 9 3.68 -5.97 13.86
C CYS B 9 2.17 -6.24 13.79
N GLY B 10 1.58 -5.74 12.76
CA GLY B 10 0.21 -5.78 12.28
C GLY B 10 -0.95 -6.26 13.15
N LEU B 11 -1.08 -5.60 14.29
CA LEU B 11 -2.03 -5.82 15.37
C LEU B 11 -2.39 -4.42 15.92
N ARG B 12 -3.73 -4.06 15.66
CA ARG B 12 -4.02 -2.63 15.87
C ARG B 12 -4.43 -2.36 17.34
N PRO B 13 -3.87 -1.30 17.92
CA PRO B 13 -4.14 -0.89 19.31
C PRO B 13 -5.60 -0.47 19.61
N LEU B 14 -6.42 -0.43 18.59
CA LEU B 14 -7.84 -0.07 18.77
C LEU B 14 -8.72 -1.11 18.09
N PHE B 15 -8.10 -2.07 17.43
CA PHE B 15 -8.92 -3.09 16.75
C PHE B 15 -8.64 -4.50 17.21
N GLU B 16 -7.56 -5.02 16.80
CA GLU B 16 -7.15 -6.30 17.36
C GLU B 16 -6.95 -6.14 18.86
N LYS B 17 -6.09 -5.20 19.17
CA LYS B 17 -5.65 -4.96 20.53
C LYS B 17 -6.79 -4.70 21.54
N LYS B 18 -8.05 -4.45 21.19
CA LYS B 18 -9.08 -4.36 22.30
C LYS B 18 -10.26 -5.31 21.96
N SER B 19 -9.81 -6.37 21.32
CA SER B 19 -10.57 -7.51 20.81
C SER B 19 -11.84 -7.04 20.12
N LEU B 20 -11.66 -5.95 19.37
CA LEU B 20 -12.76 -5.55 18.46
C LEU B 20 -12.35 -5.80 17.00
N GLU B 21 -13.33 -5.94 16.16
CA GLU B 21 -12.99 -5.97 14.72
C GLU B 21 -13.85 -5.04 13.86
N ASP B 22 -13.21 -4.65 12.75
CA ASP B 22 -13.81 -3.72 11.78
C ASP B 22 -14.99 -4.29 11.00
N LYS B 23 -15.79 -3.34 10.57
CA LYS B 23 -17.03 -3.58 9.84
C LYS B 23 -16.76 -4.32 8.55
N THR B 24 -15.45 -4.52 8.28
CA THR B 24 -15.13 -5.26 7.00
C THR B 24 -14.11 -6.37 7.08
N GLU B 25 -13.33 -6.32 8.15
CA GLU B 25 -12.41 -7.41 8.47
C GLU B 25 -13.02 -8.74 8.02
N ARG B 26 -14.17 -9.07 8.54
CA ARG B 26 -14.93 -10.28 8.36
C ARG B 26 -15.07 -10.71 6.90
N GLU B 27 -15.09 -9.74 6.01
CA GLU B 27 -15.20 -10.02 4.57
C GLU B 27 -13.98 -10.88 4.23
N LEU B 28 -12.84 -10.38 4.70
CA LEU B 28 -11.51 -10.97 4.57
C LEU B 28 -11.29 -12.37 5.18
N LEU B 29 -11.81 -12.72 6.36
CA LEU B 29 -11.54 -14.13 6.70
C LEU B 29 -12.58 -15.02 6.08
N GLU B 30 -13.60 -14.53 5.41
CA GLU B 30 -14.66 -15.30 4.73
C GLU B 30 -14.27 -15.64 3.28
N SER B 31 -13.14 -15.07 2.94
CA SER B 31 -12.49 -15.24 1.62
C SER B 31 -11.78 -16.61 1.55
N TYR B 32 -10.82 -16.66 2.49
CA TYR B 32 -10.00 -17.82 2.84
C TYR B 32 -10.92 -19.03 3.05
N ILE B 33 -12.22 -18.80 3.08
CA ILE B 33 -13.35 -19.72 3.26
C ILE B 33 -13.21 -20.61 4.50
N ILE C 1 -9.01 5.72 -3.70
CA ILE C 1 -9.71 4.45 -3.99
C ILE C 1 -11.03 4.61 -4.72
N VAL C 2 -11.23 3.64 -5.64
CA VAL C 2 -12.47 3.65 -6.42
C VAL C 2 -13.45 2.55 -6.04
N GLU C 3 -14.64 2.98 -5.76
CA GLU C 3 -15.87 2.43 -5.30
C GLU C 3 -15.70 1.84 -3.90
N GLY C 4 -15.08 2.53 -2.98
CA GLY C 4 -14.82 2.05 -1.61
C GLY C 4 -15.40 2.92 -0.50
N SER C 5 -14.82 2.91 0.70
CA SER C 5 -15.34 3.75 1.78
C SER C 5 -14.35 4.43 2.71
N ASP C 6 -14.95 5.12 3.69
CA ASP C 6 -14.13 5.79 4.70
C ASP C 6 -13.53 4.65 5.52
N ALA C 7 -12.36 5.02 5.93
CA ALA C 7 -11.55 4.17 6.82
C ALA C 7 -12.14 4.59 8.16
N GLU C 8 -12.14 3.62 9.06
CA GLU C 8 -12.66 3.94 10.40
C GLU C 8 -11.37 4.31 11.14
N ILE C 9 -11.49 5.06 12.23
CA ILE C 9 -10.21 5.47 12.86
C ILE C 9 -9.38 4.26 13.24
N GLY C 10 -8.08 4.37 13.21
CA GLY C 10 -7.16 3.31 13.56
C GLY C 10 -7.35 2.03 12.72
N MET C 11 -7.82 2.15 11.49
CA MET C 11 -8.01 0.96 10.64
C MET C 11 -6.72 0.50 9.99
N SER C 12 -5.71 1.30 9.98
CA SER C 12 -4.43 1.19 9.36
C SER C 12 -3.45 2.11 10.08
N PRO C 13 -2.97 1.64 11.21
CA PRO C 13 -1.91 2.38 11.91
C PRO C 13 -0.63 2.55 11.08
N TRP C 14 -0.48 1.68 10.08
CA TRP C 14 0.65 1.53 9.16
C TRP C 14 0.70 2.58 8.06
N GLN C 15 -0.45 2.71 7.40
CA GLN C 15 -0.69 3.64 6.29
C GLN C 15 -0.03 4.96 6.67
N VAL C 16 0.74 5.37 5.69
CA VAL C 16 1.53 6.59 5.70
C VAL C 16 1.26 7.35 4.38
N MET C 17 1.25 8.66 4.60
CA MET C 17 1.16 9.56 3.45
C MET C 17 2.45 10.38 3.34
N LEU C 18 3.00 10.18 2.17
CA LEU C 18 4.24 10.78 1.68
C LEU C 18 3.67 11.85 0.72
N PHE C 19 4.10 13.11 0.87
CA PHE C 19 3.55 14.22 0.03
C PHE C 19 4.44 15.47 0.09
N ARG C 20 4.48 16.04 -1.17
CA ARG C 20 5.38 17.10 -1.58
C ARG C 20 5.46 18.35 -0.69
N LYS C 21 6.70 18.80 -0.71
CA LYS C 21 7.08 20.03 0.00
C LYS C 21 6.62 21.19 -0.86
N SER C 22 7.33 21.36 -2.01
CA SER C 22 6.83 22.48 -2.86
C SER C 22 6.62 22.04 -4.32
N PRO C 23 5.38 22.20 -4.76
CA PRO C 23 4.21 22.67 -4.03
C PRO C 23 3.72 21.69 -2.96
N GLN C 24 3.27 22.20 -1.86
CA GLN C 24 2.66 21.39 -0.78
C GLN C 24 1.42 20.64 -1.25
N GLU C 25 1.66 19.42 -1.72
CA GLU C 25 0.71 18.44 -2.23
C GLU C 25 1.05 16.98 -1.93
N LEU C 26 0.06 16.17 -2.18
CA LEU C 26 0.16 14.72 -1.95
C LEU C 26 0.75 14.04 -3.17
N LEU C 27 1.61 13.05 -3.00
CA LEU C 27 2.08 12.30 -4.20
C LEU C 27 1.76 10.81 -4.13
N CYS C 28 1.85 10.26 -2.92
CA CYS C 28 1.57 8.85 -2.62
C CYS C 28 1.27 8.48 -1.15
N GLY C 29 1.05 7.17 -1.09
CA GLY C 29 0.87 6.42 0.16
C GLY C 29 2.16 5.68 0.46
N ALA C 30 2.38 5.30 1.69
CA ALA C 30 3.49 4.51 2.23
C ALA C 30 2.93 3.72 3.43
N SER C 31 3.65 2.70 3.53
CA SER C 31 3.38 1.95 4.75
C SER C 31 4.64 1.90 5.62
N LEU C 32 4.38 2.25 6.85
CA LEU C 32 5.34 2.26 7.94
C LEU C 32 5.57 0.79 8.30
N ILE C 33 6.73 0.22 7.97
CA ILE C 33 6.90 -1.21 8.30
C ILE C 33 7.74 -1.33 9.58
N SER C 34 8.07 -0.18 10.13
CA SER C 34 8.81 -0.08 11.41
C SER C 34 9.09 1.41 11.71
N ASP C 35 9.27 1.66 12.98
CA ASP C 35 9.47 3.01 13.56
C ASP C 35 10.37 3.94 12.74
N ARG C 36 11.12 3.41 11.79
CA ARG C 36 12.03 4.26 11.01
C ARG C 36 11.97 3.99 9.51
N TRP C 37 11.76 2.84 9.05
CA TRP C 37 11.67 2.45 7.65
C TRP C 37 10.21 2.57 7.14
N VAL C 38 10.07 3.09 5.94
CA VAL C 38 8.83 3.26 5.21
C VAL C 38 8.97 2.65 3.79
N LEU C 39 7.95 1.85 3.47
CA LEU C 39 7.81 1.15 2.21
C LEU C 39 6.93 1.95 1.26
N THR C 40 7.46 2.31 0.12
CA THR C 40 6.65 2.99 -0.91
C THR C 40 7.10 2.30 -2.22
N ALA C 41 6.33 2.64 -3.23
CA ALA C 41 6.46 2.31 -4.64
C ALA C 41 7.42 3.40 -5.10
N ALA C 42 8.32 3.08 -6.02
CA ALA C 42 9.44 3.97 -6.45
C ALA C 42 9.04 5.07 -7.40
N HIS C 43 8.16 4.66 -8.30
CA HIS C 43 7.59 5.51 -9.34
C HIS C 43 6.98 6.74 -8.70
N CYS C 44 6.99 6.80 -7.41
CA CYS C 44 6.41 7.92 -6.63
C CYS C 44 7.48 8.98 -6.56
N LEU C 45 8.71 8.49 -6.54
CA LEU C 45 9.99 9.16 -6.48
C LEU C 45 10.70 9.26 -7.84
N LEU C 46 10.45 8.28 -8.71
CA LEU C 46 11.16 8.31 -10.00
C LEU C 46 10.34 7.76 -11.18
N TYR C 47 9.90 8.63 -11.94
CA TYR C 47 9.43 8.20 -13.26
C TYR C 47 10.03 9.18 -14.26
N PRO C 48 11.18 8.84 -14.83
CA PRO C 48 11.88 9.70 -15.74
C PRO C 48 10.99 10.14 -16.88
N PRO C 49 10.01 9.33 -17.33
CA PRO C 49 9.10 9.70 -18.42
C PRO C 49 8.06 10.79 -18.11
N TRP C 50 8.11 11.42 -16.95
CA TRP C 50 7.16 12.53 -16.58
C TRP C 50 7.84 13.49 -15.65
N ASP C 51 8.98 13.23 -15.38
CA ASP C 51 9.97 14.00 -14.63
C ASP C 51 9.86 13.76 -13.13
N LYS C 52 9.23 12.71 -12.73
CA LYS C 52 9.19 12.45 -11.30
C LYS C 52 10.62 12.07 -10.84
N ASN C 53 11.25 12.93 -10.05
CA ASN C 53 12.56 12.62 -9.41
C ASN C 53 12.77 13.46 -8.19
N PHE C 54 12.04 13.04 -7.23
CA PHE C 54 12.02 13.61 -5.92
C PHE C 54 13.15 13.02 -5.10
N THR C 55 13.37 13.86 -4.13
CA THR C 55 14.51 13.66 -3.24
C THR C 55 14.15 13.86 -1.78
N GLU C 56 14.86 13.02 -1.06
CA GLU C 56 14.72 13.09 0.41
C GLU C 56 14.36 14.52 0.78
N ASN C 57 14.87 15.46 0.01
CA ASN C 57 14.71 16.90 0.22
C ASN C 57 13.30 17.46 0.00
N ASP C 58 12.72 17.18 -1.15
CA ASP C 58 11.48 17.61 -1.76
C ASP C 58 10.20 16.91 -1.29
N LEU C 59 10.38 15.88 -0.50
CA LEU C 59 9.34 14.98 0.01
C LEU C 59 9.16 15.07 1.53
N LEU C 60 7.97 14.68 1.97
CA LEU C 60 7.63 14.79 3.41
C LEU C 60 6.93 13.51 3.84
N VAL C 61 7.20 12.94 4.99
CA VAL C 61 6.42 11.76 5.38
C VAL C 61 5.47 12.16 6.52
N ARG C 62 4.23 11.71 6.40
CA ARG C 62 3.29 12.05 7.51
C ARG C 62 2.44 10.83 7.83
N ILE C 63 2.74 10.35 9.02
CA ILE C 63 2.25 9.18 9.69
C ILE C 63 1.14 9.52 10.70
N GLY C 64 0.16 8.64 10.57
CA GLY C 64 -1.01 8.61 11.46
C GLY C 64 -2.19 9.40 10.92
N LYS C 65 -2.28 9.47 9.58
CA LYS C 65 -3.39 10.33 9.13
C LYS C 65 -4.69 9.56 9.07
N HIS C 66 -5.66 10.34 8.67
CA HIS C 66 -7.08 10.08 8.51
C HIS C 66 -7.60 11.04 7.44
N SER C 67 -7.78 12.31 7.75
CA SER C 67 -8.28 13.26 6.76
C SER C 67 -7.23 13.55 5.70
N ARG C 68 -7.68 13.66 4.46
CA ARG C 68 -6.77 13.99 3.35
C ARG C 68 -6.17 15.38 3.64
N THR C 69 -7.14 16.31 3.70
CA THR C 69 -7.01 17.80 3.84
C THR C 69 -6.33 18.45 5.06
N ARG C 70 -6.93 18.30 6.18
CA ARG C 70 -6.49 18.93 7.42
C ARG C 70 -5.29 18.24 8.00
N TYR C 71 -4.55 18.96 8.77
CA TYR C 71 -3.37 18.42 9.47
C TYR C 71 -3.86 17.86 10.83
N GLU C 72 -4.02 16.55 10.94
CA GLU C 72 -4.63 15.97 12.19
C GLU C 72 -3.77 16.36 13.43
N ARG C 73 -4.12 17.54 13.90
CA ARG C 73 -3.50 18.26 15.02
C ARG C 73 -2.86 17.44 16.12
N ASN C 74 -3.42 16.34 16.62
CA ASN C 74 -2.65 15.71 17.72
C ASN C 74 -2.55 14.20 17.60
N ILE C 75 -2.74 13.70 16.40
CA ILE C 75 -2.62 12.30 16.09
C ILE C 75 -1.55 12.16 15.03
N GLU C 76 -1.72 12.96 14.00
CA GLU C 76 -0.88 12.97 12.77
C GLU C 76 0.55 13.41 13.04
N LYS C 77 1.51 12.70 12.48
CA LYS C 77 2.93 12.99 12.74
C LYS C 77 3.80 13.06 11.51
N ILE C 78 4.56 14.10 11.26
CA ILE C 78 5.37 14.42 10.10
C ILE C 78 6.86 14.22 10.27
N SER C 79 7.41 13.43 9.36
CA SER C 79 8.80 13.00 9.39
C SER C 79 9.67 13.33 8.21
N MET C 80 11.03 13.44 8.52
CA MET C 80 12.26 13.82 7.84
C MET C 80 13.00 12.65 7.15
N LEU C 81 12.90 12.43 5.85
CA LEU C 81 13.63 11.34 5.17
C LEU C 81 15.17 11.51 5.26
N GLU C 82 15.78 10.43 5.77
CA GLU C 82 17.24 10.32 5.90
C GLU C 82 17.80 9.79 4.53
N LYS C 83 17.13 8.88 3.89
CA LYS C 83 17.52 8.33 2.56
C LYS C 83 16.42 7.45 1.97
N ILE C 84 16.56 7.30 0.71
CA ILE C 84 15.65 6.55 -0.11
C ILE C 84 16.51 5.53 -0.79
N TYR C 85 15.96 4.37 -1.03
CA TYR C 85 16.70 3.33 -1.77
C TYR C 85 15.81 2.78 -2.81
N ILE C 86 16.11 3.16 -4.06
CA ILE C 86 15.36 2.44 -5.10
C ILE C 86 16.14 1.13 -5.29
N HIS C 87 15.30 0.25 -5.78
CA HIS C 87 15.71 -1.12 -6.08
C HIS C 87 16.49 -1.02 -7.40
N PRO C 88 17.69 -1.61 -7.34
CA PRO C 88 18.50 -1.76 -8.54
C PRO C 88 17.73 -2.21 -9.77
N ARG C 89 17.01 -3.32 -9.81
CA ARG C 89 16.25 -3.58 -11.09
C ARG C 89 14.94 -2.85 -11.34
N TYR C 90 14.73 -1.71 -10.70
CA TYR C 90 13.49 -0.90 -10.91
C TYR C 90 13.53 -0.67 -12.42
N ASN C 91 12.43 -0.88 -13.10
CA ASN C 91 12.34 -0.78 -14.60
C ASN C 91 11.28 0.19 -15.07
N TRP C 92 11.58 1.48 -15.08
CA TRP C 92 10.62 2.59 -15.17
C TRP C 92 10.24 2.82 -16.65
N ARG C 93 11.09 2.26 -17.40
CA ARG C 93 11.07 2.30 -18.85
C ARG C 93 9.91 1.48 -19.44
N GLU C 94 9.91 0.22 -19.06
CA GLU C 94 9.01 -0.80 -19.62
C GLU C 94 7.64 -1.11 -19.02
N ASN C 95 7.67 -1.57 -17.76
CA ASN C 95 6.48 -2.15 -17.11
C ASN C 95 6.50 -2.17 -15.58
N LEU C 96 7.45 -1.49 -15.01
CA LEU C 96 7.54 -1.34 -13.54
C LEU C 96 7.99 -2.59 -12.69
N ASP C 97 8.81 -3.52 -13.22
CA ASP C 97 9.28 -4.71 -12.39
C ASP C 97 9.97 -4.21 -11.09
N ARG C 98 9.57 -4.81 -9.98
CA ARG C 98 10.05 -4.44 -8.62
C ARG C 98 10.17 -2.93 -8.49
N ASP C 99 9.00 -2.46 -8.69
CA ASP C 99 8.63 -1.06 -8.54
C ASP C 99 8.53 -0.76 -7.06
N ILE C 100 9.72 -1.06 -6.42
CA ILE C 100 9.66 -0.71 -5.00
C ILE C 100 10.81 0.18 -4.59
N ALA C 101 10.57 0.84 -3.49
CA ALA C 101 11.52 1.74 -2.86
C ALA C 101 11.29 1.73 -1.36
N LEU C 102 12.28 1.66 -0.52
CA LEU C 102 12.21 1.82 0.91
C LEU C 102 12.65 3.31 0.97
N MET C 103 12.58 3.81 2.19
CA MET C 103 13.13 5.15 2.43
C MET C 103 13.32 5.08 3.94
N LYS C 104 14.42 5.55 4.45
CA LYS C 104 14.52 5.49 5.91
C LYS C 104 14.36 6.93 6.40
N LEU C 105 13.39 7.05 7.29
CA LEU C 105 12.99 8.28 7.95
C LEU C 105 14.18 8.89 8.68
N LYS C 106 14.11 10.17 8.97
CA LYS C 106 15.22 10.81 9.72
C LYS C 106 15.27 10.16 11.09
N LYS C 107 14.32 10.40 11.97
CA LYS C 107 14.28 9.78 13.32
C LYS C 107 13.05 8.91 13.52
N PRO C 108 13.14 7.93 14.41
CA PRO C 108 12.07 6.96 14.67
C PRO C 108 10.65 7.44 15.00
N VAL C 109 9.68 6.77 14.33
CA VAL C 109 8.28 7.19 14.60
C VAL C 109 7.81 6.56 15.93
N ALA C 110 7.34 7.47 16.78
CA ALA C 110 6.72 6.98 18.04
C ALA C 110 5.43 6.26 17.63
N PHE C 111 5.15 5.15 18.28
CA PHE C 111 3.94 4.35 17.93
C PHE C 111 2.74 4.87 18.73
N SER C 112 1.54 4.53 18.26
CA SER C 112 0.33 5.01 18.92
C SER C 112 -1.00 4.43 18.49
N ASP C 113 -1.98 4.82 19.33
CA ASP C 113 -3.36 4.35 19.05
C ASP C 113 -3.41 4.27 17.52
N TYR C 114 -2.97 5.36 16.95
CA TYR C 114 -2.89 5.63 15.53
C TYR C 114 -1.73 5.20 14.67
N ILE C 115 -0.53 5.04 15.13
CA ILE C 115 0.71 4.64 14.50
C ILE C 115 1.21 3.28 15.02
N HIS C 116 1.25 2.39 14.05
CA HIS C 116 1.61 0.98 14.30
C HIS C 116 2.07 0.35 13.01
N PRO C 117 3.04 -0.50 13.08
CA PRO C 117 3.57 -1.01 11.81
C PRO C 117 2.89 -2.28 11.33
N VAL C 118 2.91 -2.57 10.04
CA VAL C 118 2.32 -3.81 9.53
C VAL C 118 3.37 -4.94 9.54
N CYS C 119 2.79 -6.12 9.43
CA CYS C 119 3.59 -7.35 9.33
C CYS C 119 4.12 -7.46 7.89
N LEU C 120 5.41 -7.91 7.83
CA LEU C 120 6.02 -8.16 6.51
C LEU C 120 5.90 -9.69 6.28
N PRO C 121 5.48 -10.07 5.05
CA PRO C 121 5.19 -11.47 4.72
C PRO C 121 6.26 -12.50 4.92
N ASP C 122 5.87 -13.55 5.66
CA ASP C 122 6.91 -14.64 5.74
C ASP C 122 6.40 -15.62 4.65
N ARG C 123 7.42 -16.26 4.22
CA ARG C 123 7.50 -17.26 3.16
C ARG C 123 6.26 -18.20 3.24
N GLU C 124 5.92 -18.44 4.50
CA GLU C 124 4.81 -19.30 5.00
C GLU C 124 3.44 -18.67 4.69
N THR C 125 3.24 -17.54 5.34
CA THR C 125 2.05 -16.71 5.22
C THR C 125 1.83 -16.41 3.73
N ALA C 126 2.98 -16.20 3.06
CA ALA C 126 2.93 -15.93 1.61
C ALA C 126 2.33 -17.09 0.81
N ALA C 127 2.66 -18.27 1.32
CA ALA C 127 2.24 -19.53 0.68
C ALA C 127 0.73 -19.73 0.67
N SER C 128 0.14 -19.55 1.82
CA SER C 128 -1.24 -19.79 2.22
C SER C 128 -2.27 -18.73 1.86
N LEU C 129 -1.82 -17.49 1.93
CA LEU C 129 -2.64 -16.33 1.67
C LEU C 129 -2.77 -15.88 0.23
N LEU C 130 -1.62 -15.71 -0.38
CA LEU C 130 -1.60 -15.26 -1.78
C LEU C 130 -2.21 -16.39 -2.60
N GLN C 131 -3.53 -16.18 -2.71
CA GLN C 131 -4.36 -17.12 -3.51
C GLN C 131 -5.60 -16.43 -4.00
N ALA C 132 -5.98 -16.70 -5.21
CA ALA C 132 -7.01 -16.22 -6.06
C ALA C 132 -8.43 -16.36 -5.61
N GLY C 133 -9.05 -15.23 -5.38
CA GLY C 133 -10.46 -15.25 -4.87
C GLY C 133 -10.34 -14.80 -3.41
N TYR C 134 -9.15 -14.95 -2.87
CA TYR C 134 -8.86 -14.48 -1.51
C TYR C 134 -8.92 -12.94 -1.49
N LYS C 135 -9.52 -12.38 -0.45
CA LYS C 135 -9.61 -10.90 -0.45
C LYS C 135 -8.40 -10.32 0.25
N GLY C 136 -8.07 -9.08 0.00
CA GLY C 136 -6.97 -8.26 0.53
C GLY C 136 -7.47 -6.82 0.71
N ARG C 137 -6.81 -6.01 1.51
CA ARG C 137 -7.33 -4.64 1.77
C ARG C 137 -6.38 -3.48 1.44
N VAL C 138 -6.77 -2.63 0.51
CA VAL C 138 -6.01 -1.50 -0.01
C VAL C 138 -6.49 -0.15 0.49
N THR C 139 -5.59 0.90 0.65
CA THR C 139 -6.19 2.08 1.30
C THR C 139 -5.55 3.38 0.78
N GLY C 140 -6.33 4.49 0.92
CA GLY C 140 -5.77 5.80 0.55
C GLY C 140 -6.71 6.91 -0.03
N TRP C 141 -6.05 8.04 0.02
CA TRP C 141 -6.48 9.37 -0.40
C TRP C 141 -6.31 9.54 -1.92
N GLY C 142 -6.74 8.62 -2.82
CA GLY C 142 -6.64 8.70 -4.28
C GLY C 142 -7.80 9.21 -5.09
N ASN C 143 -7.71 9.51 -6.38
CA ASN C 143 -8.88 9.99 -7.17
C ASN C 143 -10.09 9.11 -6.84
N LEU C 144 -11.30 9.58 -6.83
CA LEU C 144 -12.48 8.74 -6.51
C LEU C 144 -13.03 8.14 -7.80
N LYS C 145 -12.67 8.77 -8.91
CA LYS C 145 -13.03 8.37 -10.30
C LYS C 145 -11.78 8.60 -11.15
N GLU C 146 -11.53 7.67 -12.07
CA GLU C 146 -10.29 7.90 -12.84
C GLU C 146 -10.15 9.37 -13.27
N THR C 147 -11.25 9.96 -13.72
CA THR C 147 -11.20 11.40 -14.14
C THR C 147 -12.42 12.15 -13.61
N TRP C 148 -12.26 13.46 -13.48
CA TRP C 148 -13.27 14.43 -13.02
C TRP C 148 -13.15 15.76 -13.79
N GLY C 155 -14.17 14.88 -6.13
CA GLY C 155 -13.13 14.22 -6.96
C GLY C 155 -12.03 13.54 -6.18
N GLN C 156 -12.00 13.81 -4.89
CA GLN C 156 -11.02 13.27 -3.97
C GLN C 156 -11.60 13.28 -2.55
N PRO C 157 -11.09 12.32 -1.79
CA PRO C 157 -11.64 12.11 -0.46
C PRO C 157 -11.02 13.17 0.46
N SER C 158 -11.84 13.45 1.47
CA SER C 158 -11.34 14.34 2.56
C SER C 158 -10.81 13.31 3.59
N VAL C 159 -11.14 12.08 3.17
CA VAL C 159 -10.74 10.91 3.96
C VAL C 159 -10.18 9.68 3.26
N LEU C 160 -9.41 8.94 4.08
CA LEU C 160 -8.80 7.69 3.78
C LEU C 160 -9.88 6.72 3.33
N GLN C 161 -9.79 6.22 2.13
CA GLN C 161 -10.71 5.24 1.60
C GLN C 161 -9.99 3.90 1.71
N VAL C 162 -10.76 2.90 1.93
CA VAL C 162 -10.46 1.48 2.07
C VAL C 162 -11.37 0.67 1.12
N VAL C 163 -10.92 -0.31 0.38
CA VAL C 163 -11.68 -1.15 -0.55
C VAL C 163 -11.18 -2.61 -0.31
N ASN C 164 -12.02 -3.60 -0.47
CA ASN C 164 -11.75 -5.02 -0.27
C ASN C 164 -11.80 -5.71 -1.65
N LEU C 165 -10.64 -6.08 -2.14
CA LEU C 165 -10.61 -6.66 -3.49
C LEU C 165 -10.05 -8.08 -3.40
N PRO C 166 -10.50 -8.89 -4.34
CA PRO C 166 -10.11 -10.28 -4.45
C PRO C 166 -8.84 -10.54 -5.26
N ILE C 167 -7.86 -11.28 -4.83
CA ILE C 167 -6.67 -11.62 -5.64
C ILE C 167 -7.12 -12.42 -6.85
N VAL C 168 -6.66 -12.02 -8.01
CA VAL C 168 -7.00 -12.59 -9.33
C VAL C 168 -6.02 -13.66 -9.81
N GLU C 169 -6.52 -14.60 -10.59
CA GLU C 169 -5.66 -15.65 -11.16
C GLU C 169 -4.53 -15.13 -12.03
N ARG C 170 -3.34 -15.55 -11.65
CA ARG C 170 -2.04 -15.24 -12.30
C ARG C 170 -2.12 -14.92 -13.79
N PRO C 171 -2.81 -15.82 -14.53
CA PRO C 171 -3.09 -15.73 -15.97
C PRO C 171 -4.04 -14.63 -16.40
N VAL C 172 -5.25 -14.68 -15.86
CA VAL C 172 -6.25 -13.61 -16.08
C VAL C 172 -5.61 -12.20 -16.15
N CYS C 173 -4.79 -11.86 -15.16
CA CYS C 173 -4.05 -10.59 -15.13
C CYS C 173 -3.57 -10.32 -16.56
N LYS C 174 -2.86 -11.31 -17.09
CA LYS C 174 -2.16 -11.25 -18.35
C LYS C 174 -2.97 -10.87 -19.58
N ASP C 175 -4.17 -11.43 -19.71
CA ASP C 175 -4.87 -11.15 -21.00
C ASP C 175 -5.72 -9.92 -20.89
N SER C 176 -5.25 -9.11 -19.97
CA SER C 176 -5.82 -7.84 -19.55
C SER C 176 -5.03 -6.66 -20.08
N THR C 177 -3.72 -6.77 -19.97
CA THR C 177 -2.83 -5.74 -20.44
C THR C 177 -1.69 -6.29 -21.31
N ARG C 178 -1.56 -5.64 -22.44
CA ARG C 178 -0.41 -5.88 -23.33
C ARG C 178 0.84 -5.58 -22.49
N ILE C 179 0.62 -4.91 -21.39
CA ILE C 179 1.90 -4.68 -20.74
C ILE C 179 2.50 -6.05 -20.37
N ARG C 180 3.78 -6.09 -20.42
CA ARG C 180 4.58 -7.27 -20.09
C ARG C 180 4.59 -7.42 -18.56
N ILE C 181 3.81 -8.38 -18.11
CA ILE C 181 3.62 -8.66 -16.69
C ILE C 181 4.75 -9.62 -16.18
N THR C 182 5.08 -9.54 -14.91
CA THR C 182 6.18 -10.34 -14.34
C THR C 182 5.87 -10.98 -13.02
N ASP C 183 6.89 -11.56 -12.48
CA ASP C 183 6.78 -12.28 -11.24
C ASP C 183 6.90 -11.42 -10.02
N ASN C 184 7.12 -10.17 -10.21
CA ASN C 184 7.22 -9.27 -9.09
C ASN C 184 6.01 -8.36 -9.10
N MET C 185 4.93 -8.99 -9.74
CA MET C 185 3.61 -8.38 -9.96
C MET C 185 2.44 -9.34 -9.63
N PHE C 186 1.44 -8.88 -8.92
CA PHE C 186 0.24 -9.71 -8.63
C PHE C 186 -0.94 -8.83 -9.01
N CYS C 187 -1.99 -9.30 -9.67
CA CYS C 187 -3.09 -8.35 -10.00
C CYS C 187 -4.26 -8.45 -9.03
N ALA C 188 -5.11 -7.42 -8.91
CA ALA C 188 -6.26 -7.66 -7.98
C ALA C 188 -7.53 -6.89 -8.38
N GLY C 189 -8.60 -7.69 -8.32
CA GLY C 189 -9.96 -7.25 -8.62
C GLY C 189 -11.18 -8.16 -8.63
N TYR C 190 -12.29 -7.39 -8.73
CA TYR C 190 -13.65 -8.00 -8.85
C TYR C 190 -13.76 -8.23 -10.34
N LYS C 191 -14.35 -9.31 -10.79
CA LYS C 191 -14.37 -9.56 -12.27
C LYS C 191 -15.62 -8.88 -12.81
N PRO C 192 -15.67 -8.70 -14.11
CA PRO C 192 -16.65 -7.86 -14.80
C PRO C 192 -18.09 -7.83 -14.30
N ASP C 193 -18.47 -9.08 -14.16
CA ASP C 193 -19.69 -9.79 -13.80
C ASP C 193 -19.73 -10.17 -12.30
N GLU C 194 -18.54 -10.32 -11.66
CA GLU C 194 -18.50 -10.71 -10.21
C GLU C 194 -19.43 -9.80 -9.36
N GLY C 195 -20.04 -8.85 -10.03
CA GLY C 195 -21.03 -7.90 -9.41
C GLY C 195 -20.57 -7.28 -8.07
N LYS C 196 -19.46 -6.63 -8.12
CA LYS C 196 -18.79 -5.97 -6.99
C LYS C 196 -17.62 -5.20 -7.59
N ARG C 197 -17.36 -4.03 -7.03
CA ARG C 197 -16.30 -3.13 -7.57
C ARG C 197 -15.37 -2.51 -6.55
N GLY C 198 -14.46 -1.75 -7.13
CA GLY C 198 -13.43 -1.00 -6.41
C GLY C 198 -12.06 -1.31 -7.02
N ASP C 199 -11.18 -0.42 -6.72
CA ASP C 199 -9.80 -0.48 -7.20
C ASP C 199 -9.09 0.76 -6.68
N ALA C 200 -7.75 0.70 -6.74
CA ALA C 200 -6.88 1.81 -6.36
C ALA C 200 -6.95 2.88 -7.45
N CYS C 201 -6.15 3.92 -7.35
CA CYS C 201 -6.23 4.99 -8.36
C CYS C 201 -5.06 5.97 -8.30
N GLU C 202 -5.06 6.83 -9.36
CA GLU C 202 -4.06 7.89 -9.54
C GLU C 202 -4.08 8.65 -8.20
N GLY C 203 -3.05 8.39 -7.42
CA GLY C 203 -2.90 9.02 -6.09
C GLY C 203 -2.46 8.00 -5.04
N ASP C 204 -2.91 6.77 -5.15
CA ASP C 204 -2.79 5.59 -4.35
C ASP C 204 -1.48 4.92 -4.05
N SER C 205 -0.70 4.79 -5.07
CA SER C 205 0.63 4.14 -5.19
C SER C 205 1.49 4.13 -3.94
N GLY C 206 2.10 3.01 -3.64
CA GLY C 206 2.95 2.74 -2.46
C GLY C 206 2.03 2.18 -1.36
N GLY C 207 0.76 2.32 -1.75
CA GLY C 207 -0.30 1.87 -0.84
C GLY C 207 0.02 0.44 -0.41
N PRO C 208 -0.30 0.15 0.84
CA PRO C 208 -0.16 -1.19 1.34
C PRO C 208 -1.42 -1.91 0.81
N PHE C 209 -1.24 -3.17 0.47
CA PHE C 209 -2.40 -4.04 0.18
C PHE C 209 -2.27 -5.20 1.21
N VAL C 210 -2.99 -5.06 2.30
CA VAL C 210 -2.90 -5.98 3.42
C VAL C 210 -3.86 -7.14 3.46
N MET C 211 -3.44 -8.09 4.27
CA MET C 211 -4.00 -9.36 4.68
C MET C 211 -3.89 -9.70 6.18
N LYS C 212 -4.95 -10.48 6.54
CA LYS C 212 -5.02 -10.94 7.94
C LYS C 212 -4.93 -12.46 8.10
N SER C 213 -3.74 -12.87 8.50
CA SER C 213 -3.53 -14.28 8.75
C SER C 213 -4.54 -14.66 9.84
N PRO C 214 -5.28 -15.73 9.62
CA PRO C 214 -6.25 -16.20 10.62
C PRO C 214 -5.42 -17.31 11.32
N PHE C 215 -4.13 -16.99 11.38
CA PHE C 215 -3.08 -17.83 11.99
C PHE C 215 -2.77 -17.34 13.41
N ASN C 216 -2.70 -16.01 13.36
CA ASN C 216 -2.40 -15.20 14.55
C ASN C 216 -3.22 -13.91 14.52
N ASN C 217 -3.93 -13.71 13.42
CA ASN C 217 -4.82 -12.52 13.44
C ASN C 217 -4.05 -11.22 13.22
N ARG C 218 -2.86 -11.43 12.69
CA ARG C 218 -1.95 -10.29 12.42
C ARG C 218 -2.36 -9.98 10.98
N TRP C 219 -2.02 -8.76 10.60
CA TRP C 219 -2.28 -8.21 9.26
C TRP C 219 -0.92 -8.23 8.53
N TYR C 220 -0.96 -8.44 7.24
CA TYR C 220 0.25 -8.48 6.45
C TYR C 220 0.36 -7.63 5.20
N GLN C 221 1.45 -6.92 4.93
CA GLN C 221 1.46 -6.18 3.63
C GLN C 221 1.70 -7.21 2.57
N MET C 222 1.02 -7.39 1.49
CA MET C 222 1.39 -8.45 0.51
C MET C 222 1.81 -7.80 -0.83
N GLY C 223 0.86 -6.91 -1.22
CA GLY C 223 0.93 -6.08 -2.42
C GLY C 223 1.41 -4.70 -1.96
N ILE C 224 1.52 -3.85 -2.92
CA ILE C 224 1.82 -2.43 -2.94
C ILE C 224 1.05 -1.95 -4.20
N VAL C 225 0.59 -0.75 -4.21
CA VAL C 225 -0.15 -0.25 -5.40
C VAL C 225 0.88 0.04 -6.48
N SER C 226 0.61 -0.45 -7.71
CA SER C 226 1.63 -0.21 -8.70
C SER C 226 1.29 0.49 -9.98
N TRP C 227 0.32 -0.12 -10.62
CA TRP C 227 -0.15 0.49 -11.90
C TRP C 227 -1.49 -0.24 -12.04
N GLY C 228 -1.87 -0.27 -13.26
CA GLY C 228 -3.03 -0.80 -13.97
C GLY C 228 -3.56 0.39 -14.83
N GLU C 229 -4.39 -0.01 -15.79
CA GLU C 229 -4.98 0.95 -16.73
C GLU C 229 -6.33 1.52 -16.36
N GLY C 230 -6.24 2.76 -15.89
CA GLY C 230 -7.39 3.57 -15.45
C GLY C 230 -7.64 3.28 -13.96
N CYS C 231 -8.89 3.44 -13.56
CA CYS C 231 -9.43 3.08 -12.23
C CYS C 231 -10.76 2.53 -12.38
N ASP C 232 -10.80 1.25 -12.12
CA ASP C 232 -12.09 0.52 -12.17
C ASP C 232 -12.46 0.43 -13.65
N ARG C 233 -11.55 -0.05 -14.48
CA ARG C 233 -12.04 -0.19 -15.90
C ARG C 233 -12.64 -1.64 -15.93
N ASP C 234 -13.77 -1.73 -16.65
CA ASP C 234 -14.36 -3.08 -16.65
C ASP C 234 -13.29 -3.84 -17.44
N GLY C 235 -12.94 -4.97 -16.91
CA GLY C 235 -11.85 -5.75 -17.51
C GLY C 235 -10.40 -5.47 -17.18
N LYS C 236 -10.22 -4.56 -16.25
CA LYS C 236 -8.85 -4.16 -15.84
C LYS C 236 -8.66 -4.40 -14.36
N TYR C 237 -7.41 -4.69 -14.06
CA TYR C 237 -7.05 -5.04 -12.68
C TYR C 237 -5.71 -4.42 -12.34
N GLY C 238 -5.74 -3.90 -11.15
CA GLY C 238 -4.65 -3.15 -10.51
C GLY C 238 -3.54 -4.20 -10.22
N PHE C 239 -2.36 -3.70 -10.60
CA PHE C 239 -1.08 -4.41 -10.37
C PHE C 239 -0.33 -3.83 -9.17
N TYR C 240 -0.16 -4.71 -8.17
CA TYR C 240 0.52 -4.38 -6.89
C TYR C 240 1.94 -4.90 -6.95
N THR C 241 2.68 -4.88 -5.86
CA THR C 241 4.07 -5.37 -5.90
C THR C 241 4.16 -6.53 -4.90
N HIS C 242 4.73 -7.59 -5.51
CA HIS C 242 4.89 -8.79 -4.70
C HIS C 242 5.92 -8.38 -3.65
N VAL C 243 5.46 -7.75 -2.61
CA VAL C 243 6.26 -7.41 -1.44
C VAL C 243 7.07 -8.70 -1.14
N PHE C 244 6.44 -9.79 -0.77
CA PHE C 244 7.19 -11.00 -0.49
C PHE C 244 8.43 -11.21 -1.38
N ARG C 245 7.94 -11.62 -2.55
CA ARG C 245 8.75 -11.91 -3.75
C ARG C 245 10.05 -11.09 -3.79
N LEU C 246 9.99 -9.91 -3.20
CA LEU C 246 11.08 -8.95 -3.08
C LEU C 246 11.39 -8.62 -1.62
N LYS C 247 11.41 -9.61 -0.74
CA LYS C 247 11.66 -9.23 0.65
C LYS C 247 13.15 -9.15 0.95
N LYS C 248 13.81 -10.09 0.24
CA LYS C 248 15.24 -10.29 0.60
C LYS C 248 16.08 -9.07 0.35
N TRP C 249 15.77 -8.44 -0.77
CA TRP C 249 16.46 -7.18 -1.07
C TRP C 249 15.85 -6.32 0.02
N ILE C 250 14.54 -6.38 0.18
CA ILE C 250 13.86 -5.62 1.23
C ILE C 250 14.57 -5.76 2.60
N GLN C 251 14.91 -7.01 2.96
CA GLN C 251 15.54 -7.16 4.31
C GLN C 251 17.05 -6.96 4.27
N LYS C 252 17.67 -7.01 3.11
CA LYS C 252 19.11 -6.74 2.96
C LYS C 252 19.52 -5.39 3.54
N VAL C 253 18.76 -4.35 3.20
CA VAL C 253 19.12 -2.94 3.45
C VAL C 253 18.82 -2.39 4.82
N ILE C 254 17.69 -2.92 5.32
CA ILE C 254 17.26 -2.43 6.64
C ILE C 254 18.39 -2.93 7.54
N ASP C 255 18.80 -4.12 7.10
CA ASP C 255 19.85 -4.89 7.78
C ASP C 255 21.24 -4.59 7.20
N GLN C 256 21.39 -3.31 6.85
CA GLN C 256 22.61 -2.85 6.18
C GLN C 256 22.96 -1.40 6.51
N PHE C 257 21.86 -0.70 6.72
CA PHE C 257 21.89 0.73 7.07
C PHE C 257 20.46 1.15 7.46
N GLY C 258 19.72 0.16 7.92
CA GLY C 258 18.29 0.42 8.22
C GLY C 258 18.06 0.86 9.66
N GLU C 259 16.80 0.96 10.06
CA GLU C 259 16.42 1.33 11.44
C GLU C 259 16.36 0.04 12.29
N 0G6 D . -1.33 3.96 -15.65
CA 0G6 D . 0.12 3.72 -15.79
C 0G6 D . 0.61 3.56 -14.36
O 0G6 D . 0.03 2.72 -13.63
CB 0G6 D . 0.40 2.48 -16.62
CG 0G6 D . 1.85 2.13 -16.82
CD1 0G6 D . 2.60 2.74 -17.84
CD2 0G6 D . 2.43 1.13 -16.03
CE1 0G6 D . 3.92 2.43 -17.98
CE2 0G6 D . 3.78 0.81 -16.17
CZ 0G6 D . 4.52 1.46 -17.14
N1 0G6 D . 1.63 4.30 -14.02
CA1 0G6 D . 2.10 4.27 -12.62
C1 0G6 D . 0.92 4.73 -11.76
O1 0G6 D . 0.04 5.44 -12.31
CB1 0G6 D . 3.27 5.21 -12.56
CG1 0G6 D . 3.49 5.75 -13.94
CD 0G6 D . 2.38 5.22 -14.83
N2 0G6 D . 0.91 4.29 -10.52
CA2 0G6 D . -0.18 4.76 -9.63
C2 0G6 D . 0.37 5.62 -8.51
O2 0G6 D . -0.25 5.63 -7.43
CB2 0G6 D . -1.07 3.59 -9.20
CG2 0G6 D . -2.37 3.54 -10.00
CD3 0G6 D . -2.79 2.33 -10.69
NE 0G6 D . -4.20 2.19 -11.04
CZ1 0G6 D . -4.88 1.11 -10.58
NH1 0G6 D . -4.28 0.16 -9.87
NH2 0G6 D . -6.18 0.93 -10.79
C3 0G6 D . 1.42 6.31 -8.57
#